data_4BQM
#
_entry.id   4BQM
#
_cell.length_a   203.613
_cell.length_b   203.613
_cell.length_c   98.965
_cell.angle_alpha   90.00
_cell.angle_beta   90.00
_cell.angle_gamma   120.00
#
_symmetry.space_group_name_H-M   'H 3 2'
#
loop_
_entity.id
_entity.type
_entity.pdbx_description
1 polymer 'GLUTAMINASE LIVER ISOFORM, MITOCHONDRIAL'
2 non-polymer 1,2-ETHANEDIOL
3 non-polymer 'CHLORIDE ION'
4 water water
#
_entity_poly.entity_id   1
_entity_poly.type   'polypeptide(L)'
_entity_poly.pdbx_seq_one_letter_code
;MHHHHHHSSGVDLGTENLYFQSMIPDFEEFTGHVDRIFEDVKELTGGKVAAYIPQLAKSNPDLWGVSLCTVDGQRHSVGH
TKIPFCLQSCVKPLTYAISISTLGTDYVHKFVGKEPSGLRYNKLSLNEEGIPHNPMVNAGAIVVSSLIKMDCNKAEKFDF
VLQYLNKMAGNEYMGFSNATFQSEKETGDRNYAIGYYLKEKKCFPKGVDMMAALDLYFQLCSVEVTCESGSVMAATLANG
GICPITGESVLSAEAVRNTLSLMHSCGMYDFSGQFAFHVGLPAKSAVSGAILLVVPNVMGMMCLSPPLDKLGNSHRGTSF
CQKLVSLFNFHNYDNLRHCARKLDPRREG
;
_entity_poly.pdbx_strand_id   A,B
#
loop_
_chem_comp.id
_chem_comp.type
_chem_comp.name
_chem_comp.formula
CL non-polymer 'CHLORIDE ION' 'Cl -1'
EDO non-polymer 1,2-ETHANEDIOL 'C2 H6 O2'
#
# COMPACT_ATOMS: atom_id res chain seq x y z
N LEU A 18 16.01 19.72 -3.14
CA LEU A 18 16.51 19.07 -4.41
C LEU A 18 15.46 18.13 -4.99
N TYR A 19 14.96 17.20 -4.17
CA TYR A 19 13.91 16.25 -4.61
C TYR A 19 12.65 16.99 -5.08
N PHE A 20 12.26 18.03 -4.34
CA PHE A 20 11.13 18.85 -4.75
C PHE A 20 11.38 19.50 -6.12
N GLN A 21 12.58 20.05 -6.28
CA GLN A 21 12.99 20.73 -7.52
C GLN A 21 12.86 19.81 -8.75
N SER A 22 13.25 18.54 -8.62
CA SER A 22 13.08 17.59 -9.74
C SER A 22 11.60 17.28 -10.04
N MET A 23 10.75 17.23 -9.01
CA MET A 23 9.33 16.86 -9.18
C MET A 23 8.53 18.04 -9.75
N ILE A 24 8.82 19.25 -9.26
CA ILE A 24 8.22 20.50 -9.78
C ILE A 24 9.33 21.54 -10.06
N PRO A 25 9.94 21.45 -11.25
CA PRO A 25 10.96 22.45 -11.61
C PRO A 25 10.46 23.91 -11.68
N ASP A 26 9.27 24.12 -12.25
CA ASP A 26 8.74 25.47 -12.49
C ASP A 26 7.32 25.61 -11.92
N PHE A 27 7.23 26.32 -10.80
CA PHE A 27 5.98 26.40 -10.05
C PHE A 27 4.85 27.04 -10.86
N GLU A 28 5.16 28.13 -11.57
CA GLU A 28 4.15 28.87 -12.33
C GLU A 28 3.60 28.00 -13.46
N GLU A 29 4.49 27.29 -14.13
CA GLU A 29 4.10 26.33 -15.16
C GLU A 29 3.24 25.21 -14.55
N PHE A 30 3.64 24.73 -13.38
CA PHE A 30 2.89 23.66 -12.69
C PHE A 30 1.47 24.15 -12.34
N THR A 31 1.35 25.34 -11.76
CA THR A 31 0.01 25.83 -11.41
C THR A 31 -0.85 26.03 -12.64
N GLY A 32 -0.21 26.33 -13.77
CA GLY A 32 -0.95 26.46 -15.01
C GLY A 32 -1.61 25.14 -15.41
N HIS A 33 -0.86 24.04 -15.29
CA HIS A 33 -1.47 22.72 -15.53
C HIS A 33 -2.58 22.37 -14.53
N VAL A 34 -2.37 22.74 -13.28
CA VAL A 34 -3.38 22.48 -12.25
C VAL A 34 -4.66 23.15 -12.69
N ASP A 35 -4.55 24.42 -13.06
CA ASP A 35 -5.71 25.19 -13.48
C ASP A 35 -6.41 24.52 -14.66
N ARG A 36 -5.65 24.07 -15.64
CA ARG A 36 -6.25 23.38 -16.80
C ARG A 36 -7.03 22.11 -16.40
N ILE A 37 -6.48 21.33 -15.47
CA ILE A 37 -7.21 20.11 -15.03
C ILE A 37 -8.47 20.47 -14.26
N PHE A 38 -8.35 21.45 -13.40
CA PHE A 38 -9.47 21.94 -12.60
C PHE A 38 -10.60 22.30 -13.54
N GLU A 39 -10.23 22.97 -14.63
CA GLU A 39 -11.19 23.41 -15.64
C GLU A 39 -11.85 22.25 -16.36
N ASP A 40 -11.05 21.27 -16.79
CA ASP A 40 -11.56 20.07 -17.49
C ASP A 40 -12.56 19.31 -16.67
N VAL A 41 -12.27 19.22 -15.38
CA VAL A 41 -13.08 18.47 -14.44
C VAL A 41 -14.47 19.10 -14.25
N LYS A 42 -14.59 20.42 -14.46
CA LYS A 42 -15.91 21.08 -14.45
C LYS A 42 -16.90 20.44 -15.42
N GLU A 43 -16.43 19.77 -16.47
CA GLU A 43 -17.29 18.96 -17.33
C GLU A 43 -17.71 17.65 -16.60
N LEU A 44 -18.47 17.78 -15.52
CA LEU A 44 -18.84 16.66 -14.62
C LEU A 44 -20.34 16.57 -14.43
N PRO A 61 -23.69 23.36 -3.52
CA PRO A 61 -24.05 23.78 -4.89
C PRO A 61 -23.09 23.30 -5.99
N ASP A 62 -22.70 24.21 -6.88
CA ASP A 62 -21.58 24.00 -7.82
C ASP A 62 -20.25 24.40 -7.18
N LEU A 63 -20.15 24.23 -5.87
CA LEU A 63 -18.89 24.50 -5.18
C LEU A 63 -17.77 23.60 -5.72
N TRP A 64 -16.65 24.21 -6.07
CA TRP A 64 -15.52 23.54 -6.70
C TRP A 64 -14.29 24.38 -6.46
N GLY A 65 -13.36 23.83 -5.68
CA GLY A 65 -12.13 24.52 -5.31
C GLY A 65 -11.00 23.56 -5.03
N VAL A 66 -9.78 23.98 -5.36
CA VAL A 66 -8.58 23.24 -5.11
C VAL A 66 -7.52 24.19 -4.62
N SER A 67 -6.89 23.85 -3.50
CA SER A 67 -5.70 24.58 -3.04
C SER A 67 -4.58 23.63 -2.78
N LEU A 68 -3.37 24.14 -2.96
CA LEU A 68 -2.21 23.38 -2.66
C LEU A 68 -1.17 24.22 -1.94
N CYS A 69 -0.34 23.54 -1.17
CA CYS A 69 0.76 24.15 -0.45
C CYS A 69 1.91 23.18 -0.54
N THR A 70 3.02 23.64 -1.11
CA THR A 70 4.17 22.82 -1.27
C THR A 70 4.86 22.70 0.08
N VAL A 71 5.80 21.76 0.16
CA VAL A 71 6.59 21.57 1.36
C VAL A 71 7.55 22.71 1.59
N ASP A 72 7.79 23.56 0.60
CA ASP A 72 8.58 24.78 0.86
C ASP A 72 7.71 26.03 0.87
N GLY A 73 6.40 25.86 0.98
CA GLY A 73 5.52 26.97 1.35
C GLY A 73 4.95 27.79 0.24
N GLN A 74 5.06 27.32 -0.99
CA GLN A 74 4.43 28.00 -2.12
C GLN A 74 2.97 27.58 -2.22
N ARG A 75 2.13 28.51 -2.66
CA ARG A 75 0.69 28.36 -2.56
C ARG A 75 0.00 28.64 -3.89
N HIS A 76 -1.11 27.94 -4.12
CA HIS A 76 -1.93 28.20 -5.28
C HIS A 76 -3.32 27.74 -4.94
N SER A 77 -4.29 28.59 -5.22
CA SER A 77 -5.70 28.23 -5.13
C SER A 77 -6.35 28.53 -6.46
N VAL A 78 -7.37 27.76 -6.82
CA VAL A 78 -8.21 28.04 -7.95
C VAL A 78 -9.62 27.64 -7.53
N GLY A 79 -10.59 28.50 -7.88
CA GLY A 79 -12.02 28.24 -7.61
C GLY A 79 -12.37 28.60 -6.18
N HIS A 80 -13.26 27.85 -5.58
CA HIS A 80 -13.87 28.20 -4.29
C HIS A 80 -13.08 27.78 -3.04
N THR A 81 -11.98 28.47 -2.79
CA THR A 81 -11.04 28.02 -1.84
C THR A 81 -11.08 28.75 -0.50
N LYS A 82 -12.04 29.68 -0.35
CA LYS A 82 -12.18 30.44 0.90
C LYS A 82 -13.51 30.23 1.56
N ILE A 83 -14.24 29.23 1.08
CA ILE A 83 -15.47 28.84 1.69
C ILE A 83 -15.20 27.82 2.80
N PRO A 84 -15.62 28.13 4.04
CA PRO A 84 -15.45 27.16 5.11
C PRO A 84 -16.32 25.94 4.93
N PHE A 85 -15.82 24.79 5.37
CA PHE A 85 -16.61 23.58 5.40
C PHE A 85 -16.05 22.67 6.50
N CYS A 86 -16.88 21.80 7.02
CA CYS A 86 -16.54 20.89 8.10
C CYS A 86 -15.62 19.78 7.63
N LEU A 87 -14.58 19.52 8.42
CA LEU A 87 -13.66 18.42 8.13
C LEU A 87 -14.40 17.11 8.02
N GLN A 88 -15.36 16.84 8.91
CA GLN A 88 -16.00 15.53 8.96
C GLN A 88 -14.88 14.44 8.98
N SER A 89 -14.99 13.40 8.14
CA SER A 89 -14.02 12.28 8.14
C SER A 89 -12.58 12.69 7.84
N CYS A 90 -12.38 13.84 7.21
CA CYS A 90 -11.04 14.34 6.97
C CYS A 90 -10.31 14.52 8.27
N VAL A 91 -11.03 14.62 9.38
CA VAL A 91 -10.33 14.77 10.64
C VAL A 91 -9.74 13.45 11.16
N LYS A 92 -10.19 12.32 10.64
CA LYS A 92 -9.81 11.04 11.21
C LYS A 92 -8.30 10.81 11.18
N PRO A 93 -7.66 11.03 10.05
CA PRO A 93 -6.21 10.89 10.07
C PRO A 93 -5.47 11.90 10.95
N LEU A 94 -6.06 13.06 11.20
CA LEU A 94 -5.41 14.11 11.98
C LEU A 94 -5.41 13.73 13.45
N THR A 95 -6.57 13.35 13.98
CA THR A 95 -6.68 12.86 15.34
C THR A 95 -5.82 11.61 15.57
N TYR A 96 -5.82 10.69 14.63
CA TYR A 96 -4.95 9.51 14.70
C TYR A 96 -3.46 10.00 14.81
N ALA A 97 -3.05 10.89 13.95
CA ALA A 97 -1.66 11.37 13.98
C ALA A 97 -1.31 12.00 15.32
N ILE A 98 -2.27 12.74 15.89
CA ILE A 98 -2.06 13.33 17.20
C ILE A 98 -1.94 12.27 18.28
N SER A 99 -2.78 11.24 18.21
CA SER A 99 -2.67 10.17 19.19
C SER A 99 -1.29 9.51 19.11
N ILE A 100 -0.82 9.24 17.90
CA ILE A 100 0.47 8.56 17.77
C ILE A 100 1.56 9.46 18.30
N SER A 101 1.48 10.74 17.96
CA SER A 101 2.48 11.73 18.37
C SER A 101 2.55 11.88 19.86
N THR A 102 1.42 11.77 20.55
CA THR A 102 1.39 11.94 21.98
C THR A 102 1.53 10.62 22.78
N LEU A 103 1.19 9.48 22.19
CA LEU A 103 1.15 8.21 22.92
C LEU A 103 1.98 7.07 22.34
N GLY A 104 2.33 7.15 21.06
CA GLY A 104 3.12 6.13 20.41
C GLY A 104 2.30 5.04 19.80
N THR A 105 2.87 4.42 18.77
CA THR A 105 2.25 3.35 18.03
C THR A 105 1.82 2.20 18.87
N ASP A 106 2.74 1.71 19.71
CA ASP A 106 2.51 0.48 20.46
C ASP A 106 1.19 0.58 21.29
N TYR A 107 1.03 1.68 21.99
CA TYR A 107 -0.11 1.88 22.83
C TYR A 107 -1.40 2.08 22.04
N VAL A 108 -1.36 2.97 21.03
CA VAL A 108 -2.56 3.28 20.26
C VAL A 108 -3.13 2.03 19.67
N HIS A 109 -2.24 1.22 19.10
CA HIS A 109 -2.66 0.06 18.35
C HIS A 109 -2.93 -1.19 19.18
N LYS A 110 -2.90 -1.05 20.49
CA LYS A 110 -3.63 -1.98 21.35
C LYS A 110 -5.14 -1.80 21.23
N PHE A 111 -5.58 -0.62 20.79
CA PHE A 111 -7.03 -0.31 20.79
C PHE A 111 -7.65 -0.24 19.41
N VAL A 112 -6.81 -0.11 18.39
CA VAL A 112 -7.28 0.02 17.02
C VAL A 112 -6.30 -0.64 16.06
N GLY A 113 -6.84 -1.29 15.04
CA GLY A 113 -6.02 -2.10 14.12
C GLY A 113 -5.33 -1.26 13.07
N LYS A 114 -4.72 -1.95 12.12
CA LYS A 114 -3.81 -1.34 11.17
C LYS A 114 -4.13 -1.73 9.77
N GLU A 115 -5.28 -2.30 9.51
CA GLU A 115 -5.54 -2.64 8.14
C GLU A 115 -6.94 -2.47 7.63
N PRO A 116 -7.12 -2.50 6.31
CA PRO A 116 -8.48 -2.42 5.78
C PRO A 116 -9.40 -3.53 6.30
N SER A 117 -10.69 -3.21 6.44
CA SER A 117 -11.67 -4.17 6.94
C SER A 117 -12.06 -5.22 5.90
N LEU A 124 -20.70 -1.92 10.94
CA LEU A 124 -19.31 -2.31 10.99
C LEU A 124 -19.06 -3.73 11.46
N SER A 125 -17.79 -3.97 11.83
CA SER A 125 -17.43 -5.08 12.74
C SER A 125 -16.08 -4.81 13.50
N LEU A 126 -15.62 -5.81 14.24
CA LEU A 126 -14.32 -5.83 14.87
C LEU A 126 -13.44 -6.90 14.24
N ASN A 127 -12.12 -6.83 14.48
CA ASN A 127 -11.18 -7.78 13.89
C ASN A 127 -10.93 -8.98 14.83
N GLU A 128 -9.99 -9.85 14.42
CA GLU A 128 -9.59 -11.04 15.19
C GLU A 128 -9.20 -10.74 16.65
N GLU A 129 -8.51 -9.63 16.90
CA GLU A 129 -8.12 -9.28 18.27
C GLU A 129 -9.26 -8.56 19.04
N GLY A 130 -10.45 -8.50 18.46
CA GLY A 130 -11.61 -7.80 19.07
C GLY A 130 -11.58 -6.27 19.08
N ILE A 131 -10.92 -5.65 18.11
CA ILE A 131 -10.80 -4.19 18.03
C ILE A 131 -11.17 -3.68 16.63
N PRO A 132 -11.67 -2.41 16.51
CA PRO A 132 -11.98 -1.80 15.19
C PRO A 132 -10.81 -1.88 14.25
N HIS A 133 -11.09 -2.04 12.96
CA HIS A 133 -10.12 -2.53 11.98
C HIS A 133 -8.97 -1.56 11.79
N ASN A 134 -9.29 -0.27 11.82
CA ASN A 134 -8.33 0.78 11.59
C ASN A 134 -8.91 2.13 11.99
N PRO A 135 -8.06 3.17 12.04
CA PRO A 135 -8.52 4.50 12.48
C PRO A 135 -9.37 5.27 11.48
N MET A 136 -9.46 4.79 10.22
CA MET A 136 -10.21 5.49 9.18
C MET A 136 -11.67 5.06 9.06
N VAL A 137 -12.08 4.01 9.75
CA VAL A 137 -13.48 3.67 9.81
C VAL A 137 -14.03 4.26 11.09
N ASN A 138 -15.34 4.48 11.12
CA ASN A 138 -15.93 5.18 12.28
C ASN A 138 -15.60 4.59 13.63
N ALA A 139 -15.68 3.27 13.73
CA ALA A 139 -15.46 2.61 15.03
C ALA A 139 -14.04 2.86 15.51
N GLY A 140 -13.08 2.82 14.59
CA GLY A 140 -11.70 3.09 14.95
C GLY A 140 -11.47 4.54 15.33
N ALA A 141 -12.13 5.45 14.61
CA ALA A 141 -11.97 6.88 14.86
C ALA A 141 -12.57 7.25 16.17
N ILE A 142 -13.66 6.61 16.52
CA ILE A 142 -14.24 6.80 17.85
C ILE A 142 -13.32 6.34 18.99
N VAL A 143 -12.72 5.16 18.84
CA VAL A 143 -11.76 4.66 19.82
C VAL A 143 -10.54 5.57 19.91
N VAL A 144 -10.01 5.94 18.75
CA VAL A 144 -8.91 6.90 18.71
C VAL A 144 -9.23 8.19 19.45
N SER A 145 -10.40 8.74 19.23
CA SER A 145 -10.83 9.94 19.96
C SER A 145 -10.77 9.73 21.46
N SER A 146 -11.17 8.54 21.92
CA SER A 146 -11.20 8.25 23.35
C SER A 146 -9.80 8.22 23.97
N LEU A 147 -8.76 8.01 23.17
CA LEU A 147 -7.41 7.85 23.69
C LEU A 147 -6.79 9.19 24.08
N ILE A 148 -7.33 10.30 23.60
CA ILE A 148 -6.66 11.58 23.75
C ILE A 148 -6.97 12.27 25.10
N LYS A 149 -5.91 12.58 25.85
CA LYS A 149 -5.99 13.24 27.18
C LYS A 149 -7.09 12.60 28.01
N MET A 150 -6.89 11.32 28.34
CA MET A 150 -7.91 10.56 29.05
C MET A 150 -8.22 11.12 30.45
N ASP A 151 -7.24 11.74 31.09
CA ASP A 151 -7.44 12.26 32.45
C ASP A 151 -8.27 13.55 32.55
N CYS A 152 -8.74 14.11 31.43
CA CYS A 152 -9.33 15.47 31.42
C CYS A 152 -10.77 15.54 30.94
N ASN A 153 -11.35 16.73 30.94
CA ASN A 153 -12.78 16.92 30.60
C ASN A 153 -13.02 17.25 29.12
N LYS A 154 -14.29 17.47 28.75
CA LYS A 154 -14.72 17.67 27.35
C LYS A 154 -14.04 18.89 26.70
N ALA A 155 -14.24 20.06 27.30
CA ALA A 155 -13.62 21.29 26.82
C ALA A 155 -12.10 21.17 26.59
N GLU A 156 -11.40 20.55 27.54
CA GLU A 156 -9.94 20.42 27.47
C GLU A 156 -9.47 19.47 26.38
N LYS A 157 -10.18 18.36 26.22
CA LYS A 157 -9.80 17.39 25.20
C LYS A 157 -9.84 18.12 23.85
N PHE A 158 -10.95 18.81 23.62
CA PHE A 158 -11.19 19.51 22.40
C PHE A 158 -10.10 20.54 22.14
N ASP A 159 -9.82 21.34 23.15
CA ASP A 159 -8.79 22.39 23.03
C ASP A 159 -7.39 21.81 22.78
N PHE A 160 -7.08 20.69 23.42
CA PHE A 160 -5.82 20.00 23.16
C PHE A 160 -5.71 19.55 21.68
N VAL A 161 -6.77 18.98 21.11
CA VAL A 161 -6.73 18.58 19.70
C VAL A 161 -6.65 19.83 18.83
N LEU A 162 -7.45 20.82 19.15
CA LEU A 162 -7.52 22.02 18.36
C LEU A 162 -6.14 22.71 18.28
N GLN A 163 -5.34 22.64 19.34
CA GLN A 163 -4.02 23.27 19.32
C GLN A 163 -3.11 22.59 18.29
N TYR A 164 -3.19 21.27 18.16
CA TYR A 164 -2.46 20.63 17.07
C TYR A 164 -3.02 20.99 15.68
N LEU A 165 -4.33 21.05 15.55
CA LEU A 165 -4.92 21.30 14.24
C LEU A 165 -4.55 22.72 13.77
N ASN A 166 -4.61 23.68 14.70
CA ASN A 166 -4.19 25.04 14.41
C ASN A 166 -2.78 25.08 13.87
N LYS A 167 -1.86 24.37 14.55
CA LYS A 167 -0.48 24.38 14.14
C LYS A 167 -0.23 23.64 12.83
N MET A 168 -0.96 22.55 12.59
CA MET A 168 -0.90 21.87 11.29
C MET A 168 -1.31 22.81 10.16
N ALA A 169 -2.26 23.68 10.43
CA ALA A 169 -2.77 24.64 9.44
C ALA A 169 -1.99 25.99 9.41
N GLY A 170 -0.85 26.04 10.11
CA GLY A 170 -0.06 27.27 10.22
C GLY A 170 -0.89 28.42 10.71
N ASN A 171 -1.78 28.15 11.65
CA ASN A 171 -2.70 29.13 12.23
C ASN A 171 -3.61 29.79 11.23
N GLU A 172 -3.83 29.19 10.07
CA GLU A 172 -4.84 29.73 9.14
C GLU A 172 -6.24 29.31 9.56
N TYR A 173 -7.21 29.54 8.69
CA TYR A 173 -8.61 29.49 9.06
C TYR A 173 -8.98 28.17 9.72
N MET A 174 -9.59 28.28 10.89
CA MET A 174 -10.04 27.11 11.65
C MET A 174 -11.26 27.57 12.42
N GLY A 175 -12.42 26.98 12.16
CA GLY A 175 -13.68 27.43 12.79
C GLY A 175 -14.37 26.25 13.42
N PHE A 176 -15.65 26.40 13.71
CA PHE A 176 -16.46 25.34 14.29
C PHE A 176 -17.90 25.51 13.86
N SER A 177 -18.53 24.47 13.31
CA SER A 177 -19.95 24.52 12.99
C SER A 177 -20.82 23.85 14.06
N ASN A 178 -21.46 24.68 14.89
CA ASN A 178 -22.41 24.19 15.85
C ASN A 178 -23.61 23.54 15.18
N ALA A 179 -23.99 24.00 13.99
CA ALA A 179 -25.07 23.35 13.25
C ALA A 179 -24.76 21.89 12.95
N THR A 180 -23.59 21.65 12.40
CA THR A 180 -23.17 20.30 12.09
C THR A 180 -22.99 19.46 13.37
N PHE A 181 -22.40 20.05 14.41
CA PHE A 181 -22.23 19.34 15.68
C PHE A 181 -23.57 18.89 16.23
N GLN A 182 -24.53 19.82 16.33
CA GLN A 182 -25.83 19.45 16.93
C GLN A 182 -26.52 18.44 16.04
N SER A 183 -26.36 18.58 14.75
CA SER A 183 -27.00 17.65 13.83
C SER A 183 -26.50 16.18 14.01
N GLU A 184 -25.18 15.99 14.12
CA GLU A 184 -24.59 14.65 14.38
C GLU A 184 -25.04 14.14 15.77
N LYS A 185 -25.09 15.01 16.78
CA LYS A 185 -25.61 14.60 18.09
C LYS A 185 -27.03 14.07 18.02
N GLU A 186 -27.88 14.73 17.25
CA GLU A 186 -29.30 14.39 17.27
C GLU A 186 -29.61 13.25 16.31
N THR A 187 -28.90 13.19 15.18
CA THR A 187 -29.27 12.26 14.10
C THR A 187 -28.26 11.15 13.85
N GLY A 188 -27.14 11.13 14.58
CA GLY A 188 -26.08 10.20 14.30
C GLY A 188 -26.30 8.81 14.88
N ASP A 189 -27.43 8.18 14.54
CA ASP A 189 -27.78 6.88 15.11
C ASP A 189 -26.76 5.78 14.82
N ARG A 190 -26.19 5.79 13.62
CA ARG A 190 -25.16 4.87 13.26
C ARG A 190 -23.99 4.92 14.27
N ASN A 191 -23.54 6.14 14.62
CA ASN A 191 -22.45 6.30 15.56
C ASN A 191 -22.77 5.95 16.98
N TYR A 192 -24.00 6.21 17.41
CA TYR A 192 -24.45 5.72 18.70
C TYR A 192 -24.46 4.21 18.73
N ALA A 193 -24.90 3.60 17.63
CA ALA A 193 -24.93 2.15 17.60
C ALA A 193 -23.51 1.62 17.75
N ILE A 194 -22.59 2.23 17.02
CA ILE A 194 -21.18 1.83 17.08
C ILE A 194 -20.62 2.05 18.48
N GLY A 195 -20.91 3.19 19.06
CA GLY A 195 -20.49 3.52 20.41
C GLY A 195 -20.90 2.47 21.44
N TYR A 196 -22.18 2.12 21.45
CA TYR A 196 -22.69 1.10 22.40
C TYR A 196 -22.11 -0.27 22.12
N TYR A 197 -21.88 -0.59 20.87
CA TYR A 197 -21.25 -1.82 20.54
C TYR A 197 -19.80 -1.90 21.06
N LEU A 198 -19.05 -0.81 20.92
CA LEU A 198 -17.66 -0.73 21.41
C LEU A 198 -17.65 -0.87 22.91
N LYS A 199 -18.61 -0.23 23.56
CA LYS A 199 -18.73 -0.31 25.01
C LYS A 199 -19.01 -1.78 25.43
N GLU A 200 -20.03 -2.39 24.83
CA GLU A 200 -20.33 -3.81 25.01
C GLU A 200 -19.11 -4.70 24.83
N LYS A 201 -18.31 -4.45 23.79
CA LYS A 201 -17.19 -5.31 23.52
C LYS A 201 -15.94 -4.89 24.29
N LYS A 202 -16.04 -3.86 25.13
CA LYS A 202 -14.95 -3.45 26.01
C LYS A 202 -13.75 -2.90 25.25
N CYS A 203 -13.99 -2.04 24.26
CA CYS A 203 -12.96 -1.63 23.30
C CYS A 203 -12.27 -0.33 23.69
N PHE A 204 -12.84 0.35 24.68
CA PHE A 204 -12.32 1.62 25.19
C PHE A 204 -11.37 1.43 26.34
N PRO A 205 -10.46 2.39 26.52
CA PRO A 205 -9.56 2.34 27.65
C PRO A 205 -10.30 2.50 28.96
N LYS A 206 -9.68 1.99 30.02
CA LYS A 206 -10.27 2.03 31.34
C LYS A 206 -10.76 3.43 31.73
N GLY A 207 -11.90 3.49 32.38
CA GLY A 207 -12.37 4.75 32.92
C GLY A 207 -12.95 5.74 31.93
N VAL A 208 -12.97 5.41 30.63
CA VAL A 208 -13.45 6.32 29.57
C VAL A 208 -14.94 6.16 29.48
N ASP A 209 -15.65 7.27 29.48
CA ASP A 209 -17.08 7.31 29.27
C ASP A 209 -17.35 7.35 27.74
N MET A 210 -18.05 6.34 27.25
CA MET A 210 -18.33 6.20 25.81
C MET A 210 -18.99 7.47 25.23
N MET A 211 -19.97 8.00 25.93
CA MET A 211 -20.72 9.15 25.45
C MET A 211 -19.82 10.41 25.34
N ALA A 212 -18.83 10.53 26.23
CA ALA A 212 -17.87 11.63 26.17
C ALA A 212 -16.98 11.52 24.96
N ALA A 213 -16.61 10.29 24.65
CA ALA A 213 -15.81 10.06 23.48
C ALA A 213 -16.56 10.36 22.18
N LEU A 214 -17.83 9.97 22.13
CA LEU A 214 -18.66 10.28 20.96
C LEU A 214 -18.82 11.77 20.78
N ASP A 215 -19.05 12.46 21.89
CA ASP A 215 -19.24 13.90 21.90
C ASP A 215 -18.02 14.58 21.33
N LEU A 216 -16.83 14.16 21.76
CA LEU A 216 -15.59 14.74 21.22
C LEU A 216 -15.43 14.40 19.77
N TYR A 217 -15.69 13.14 19.40
CA TYR A 217 -15.61 12.78 17.99
C TYR A 217 -16.55 13.67 17.11
N PHE A 218 -17.77 13.89 17.56
CA PHE A 218 -18.69 14.75 16.80
C PHE A 218 -18.20 16.19 16.72
N GLN A 219 -17.63 16.69 17.81
CA GLN A 219 -17.04 18.01 17.80
C GLN A 219 -15.94 18.18 16.76
N LEU A 220 -15.01 17.24 16.74
CA LEU A 220 -13.88 17.30 15.82
C LEU A 220 -14.30 17.16 14.37
N CYS A 221 -15.33 16.34 14.10
CA CYS A 221 -15.94 16.30 12.77
C CYS A 221 -16.53 17.66 12.33
N SER A 222 -16.88 18.51 13.31
CA SER A 222 -17.50 19.80 13.05
C SER A 222 -16.51 20.98 12.95
N VAL A 223 -15.22 20.71 13.14
CA VAL A 223 -14.23 21.73 12.89
C VAL A 223 -14.24 22.11 11.41
N GLU A 224 -14.10 23.40 11.16
CA GLU A 224 -14.21 23.98 9.82
C GLU A 224 -12.89 24.46 9.33
N VAL A 225 -12.64 24.23 8.07
CA VAL A 225 -11.44 24.75 7.40
C VAL A 225 -11.86 25.29 6.04
N THR A 226 -10.95 25.94 5.31
CA THR A 226 -11.16 26.23 3.91
C THR A 226 -10.19 25.36 3.11
N CYS A 227 -10.34 25.32 1.80
CA CYS A 227 -9.39 24.62 0.97
C CYS A 227 -7.97 25.09 1.26
N GLU A 228 -7.83 26.39 1.49
CA GLU A 228 -6.54 27.00 1.76
C GLU A 228 -5.89 26.54 3.04
N SER A 229 -6.63 26.61 4.16
CA SER A 229 -6.09 26.16 5.44
C SER A 229 -5.90 24.64 5.47
N GLY A 230 -6.87 23.91 4.91
CA GLY A 230 -6.78 22.47 4.78
C GLY A 230 -5.55 22.01 4.00
N SER A 231 -5.23 22.73 2.92
CA SER A 231 -4.05 22.39 2.12
C SER A 231 -2.75 22.49 2.92
N VAL A 232 -2.71 23.41 3.86
CA VAL A 232 -1.56 23.55 4.74
C VAL A 232 -1.43 22.38 5.70
N MET A 233 -2.57 21.90 6.20
CA MET A 233 -2.59 20.71 7.03
C MET A 233 -2.05 19.52 6.26
N ALA A 234 -2.50 19.38 5.03
CA ALA A 234 -2.07 18.28 4.23
C ALA A 234 -0.59 18.43 3.91
N ALA A 235 -0.12 19.67 3.78
CA ALA A 235 1.32 19.94 3.52
C ALA A 235 2.19 19.62 4.73
N THR A 236 1.64 19.79 5.92
CA THR A 236 2.34 19.40 7.11
C THR A 236 2.62 17.87 7.08
N LEU A 237 1.64 17.08 6.66
CA LEU A 237 1.79 15.65 6.48
C LEU A 237 2.75 15.32 5.33
N ALA A 238 2.76 16.13 4.26
CA ALA A 238 3.67 15.92 3.15
C ALA A 238 5.11 16.22 3.55
N ASN A 239 5.27 17.00 4.60
CA ASN A 239 6.58 17.54 4.97
C ASN A 239 7.08 16.90 6.27
N GLY A 240 6.73 15.64 6.52
CA GLY A 240 7.23 14.93 7.67
C GLY A 240 6.77 15.43 9.02
N GLY A 241 5.72 16.24 9.05
CA GLY A 241 5.17 16.69 10.32
C GLY A 241 5.59 18.09 10.72
N ILE A 242 6.32 18.78 9.84
CA ILE A 242 6.69 20.20 10.06
C ILE A 242 5.79 21.05 9.18
N CYS A 243 5.14 22.03 9.75
CA CYS A 243 4.27 22.92 8.99
C CYS A 243 5.12 23.79 8.10
N PRO A 244 4.90 23.74 6.78
CA PRO A 244 5.85 24.39 5.92
C PRO A 244 5.71 25.90 5.84
N ILE A 245 4.63 26.51 6.34
CA ILE A 245 4.58 27.96 6.30
C ILE A 245 5.02 28.59 7.58
N THR A 246 5.37 27.79 8.58
CA THR A 246 5.81 28.34 9.86
C THR A 246 7.11 27.73 10.33
N GLY A 247 7.52 26.61 9.76
CA GLY A 247 8.62 25.86 10.31
C GLY A 247 8.34 25.14 11.63
N GLU A 248 7.10 25.15 12.13
CA GLU A 248 6.82 24.51 13.42
C GLU A 248 6.73 22.95 13.35
N SER A 249 7.44 22.28 14.26
CA SER A 249 7.36 20.81 14.40
C SER A 249 6.02 20.54 15.01
N VAL A 250 5.15 19.82 14.31
CA VAL A 250 3.81 19.56 14.84
C VAL A 250 3.56 18.11 15.22
N LEU A 251 3.91 17.17 14.35
CA LEU A 251 3.67 15.76 14.57
C LEU A 251 4.96 14.98 14.43
N SER A 252 5.06 13.79 15.04
CA SER A 252 6.27 13.02 14.89
C SER A 252 6.35 12.30 13.54
N ALA A 253 7.56 11.90 13.14
CA ALA A 253 7.79 11.23 11.87
C ALA A 253 7.07 9.91 11.84
N GLU A 254 7.07 9.26 12.99
CA GLU A 254 6.36 8.03 13.14
C GLU A 254 4.84 8.27 12.93
N ALA A 255 4.29 9.32 13.53
CA ALA A 255 2.86 9.61 13.39
C ALA A 255 2.51 9.80 11.94
N VAL A 256 3.37 10.53 11.23
CA VAL A 256 3.12 10.88 9.86
C VAL A 256 3.22 9.67 8.98
N ARG A 257 4.24 8.85 9.20
CA ARG A 257 4.41 7.63 8.42
C ARG A 257 3.22 6.69 8.59
N ASN A 258 2.84 6.44 9.82
CA ASN A 258 1.66 5.61 10.08
C ASN A 258 0.41 6.17 9.39
N THR A 259 0.20 7.46 9.54
CA THR A 259 -0.99 8.12 9.03
C THR A 259 -1.06 8.03 7.51
N LEU A 260 0.04 8.36 6.86
CA LEU A 260 0.11 8.23 5.39
C LEU A 260 -0.08 6.79 4.95
N SER A 261 0.46 5.82 5.68
CA SER A 261 0.20 4.40 5.32
C SER A 261 -1.30 4.05 5.36
N LEU A 262 -1.98 4.46 6.42
CA LEU A 262 -3.39 4.11 6.57
C LEU A 262 -4.29 4.91 5.64
N MET A 263 -3.88 6.14 5.31
CA MET A 263 -4.61 6.95 4.32
C MET A 263 -4.50 6.27 2.97
N HIS A 264 -3.31 5.78 2.64
CA HIS A 264 -3.11 5.07 1.38
C HIS A 264 -4.07 3.90 1.17
N SER A 265 -4.32 3.13 2.23
CA SER A 265 -5.04 1.91 2.09
C SER A 265 -6.51 1.94 2.55
N CYS A 266 -6.85 2.89 3.42
CA CYS A 266 -8.16 2.94 4.06
C CYS A 266 -8.85 4.31 3.97
N GLY A 267 -8.32 5.23 3.17
CA GLY A 267 -8.74 6.63 3.30
C GLY A 267 -9.93 7.07 2.46
N MET A 268 -10.36 6.23 1.52
CA MET A 268 -11.45 6.53 0.60
C MET A 268 -12.62 5.55 0.67
N TYR A 269 -12.88 5.00 1.85
CA TYR A 269 -13.95 4.00 2.06
C TYR A 269 -13.88 2.86 1.01
N ASP A 270 -15.00 2.45 0.41
CA ASP A 270 -15.00 1.33 -0.55
C ASP A 270 -14.21 1.60 -1.83
N PHE A 271 -13.85 2.86 -2.08
CA PHE A 271 -13.04 3.20 -3.25
C PHE A 271 -11.52 3.16 -2.97
N SER A 272 -11.14 2.84 -1.73
CA SER A 272 -9.72 2.85 -1.34
C SER A 272 -8.81 1.97 -2.19
N GLY A 273 -9.26 0.76 -2.51
CA GLY A 273 -8.45 -0.13 -3.39
C GLY A 273 -8.26 0.41 -4.81
N GLN A 274 -9.35 0.89 -5.40
CA GLN A 274 -9.25 1.50 -6.74
C GLN A 274 -8.31 2.69 -6.69
N PHE A 275 -8.48 3.54 -5.68
CA PHE A 275 -7.67 4.74 -5.56
C PHE A 275 -6.17 4.41 -5.39
N ALA A 276 -5.87 3.47 -4.50
CA ALA A 276 -4.48 3.04 -4.29
C ALA A 276 -3.88 2.54 -5.59
N PHE A 277 -4.63 1.78 -6.35
CA PHE A 277 -4.12 1.26 -7.61
C PHE A 277 -3.90 2.33 -8.67
N HIS A 278 -4.90 3.16 -8.94
CA HIS A 278 -4.81 4.13 -10.05
C HIS A 278 -4.16 5.46 -9.72
N VAL A 279 -4.28 5.92 -8.47
CA VAL A 279 -3.72 7.20 -8.07
C VAL A 279 -2.44 7.02 -7.24
N GLY A 280 -2.49 6.08 -6.28
CA GLY A 280 -1.32 5.69 -5.51
C GLY A 280 -0.77 6.77 -4.59
N LEU A 281 -1.66 7.51 -3.92
CA LEU A 281 -1.24 8.52 -2.94
C LEU A 281 -2.12 8.51 -1.72
N PRO A 282 -1.59 8.91 -0.58
CA PRO A 282 -2.40 8.98 0.61
C PRO A 282 -3.44 10.08 0.43
N ALA A 283 -4.70 9.70 0.60
CA ALA A 283 -5.80 10.63 0.57
C ALA A 283 -6.86 10.26 1.61
N LYS A 284 -7.66 11.25 2.02
CA LYS A 284 -8.82 11.00 2.86
C LYS A 284 -10.00 11.80 2.34
N SER A 285 -11.12 11.11 2.11
CA SER A 285 -12.36 11.72 1.66
C SER A 285 -13.34 11.90 2.80
N ALA A 286 -14.33 12.75 2.58
CA ALA A 286 -15.38 12.99 3.54
C ALA A 286 -16.72 13.31 2.83
N VAL A 287 -17.80 13.22 3.62
CA VAL A 287 -19.16 13.38 3.13
C VAL A 287 -19.46 14.85 2.74
N SER A 288 -18.68 15.78 3.27
CA SER A 288 -18.66 17.16 2.82
C SER A 288 -18.23 17.38 1.36
N GLY A 289 -17.71 16.35 0.71
CA GLY A 289 -17.13 16.45 -0.64
C GLY A 289 -15.67 16.88 -0.64
N ALA A 290 -15.06 16.96 0.53
CA ALA A 290 -13.64 17.23 0.62
C ALA A 290 -12.74 15.99 0.32
N ILE A 291 -11.56 16.26 -0.22
CA ILE A 291 -10.48 15.29 -0.37
C ILE A 291 -9.20 15.98 0.03
N LEU A 292 -8.60 15.45 1.09
CA LEU A 292 -7.31 15.85 1.59
C LEU A 292 -6.29 14.89 0.94
N LEU A 293 -5.41 15.43 0.13
CA LEU A 293 -4.47 14.62 -0.66
C LEU A 293 -3.06 15.02 -0.26
N VAL A 294 -2.20 14.02 -0.05
CA VAL A 294 -0.80 14.28 0.29
C VAL A 294 0.07 13.69 -0.81
N VAL A 295 1.00 14.52 -1.31
CA VAL A 295 2.05 14.09 -2.23
C VAL A 295 3.34 14.23 -1.44
N PRO A 296 3.82 13.12 -0.87
CA PRO A 296 4.93 13.18 0.08
C PRO A 296 6.14 13.92 -0.49
N ASN A 297 6.73 14.80 0.31
CA ASN A 297 7.89 15.59 -0.08
C ASN A 297 7.64 16.53 -1.26
N VAL A 298 6.38 16.79 -1.61
CA VAL A 298 6.11 17.70 -2.68
C VAL A 298 5.07 18.72 -2.24
N MET A 299 3.87 18.26 -1.90
CA MET A 299 2.80 19.17 -1.49
C MET A 299 1.62 18.49 -0.78
N GLY A 300 0.84 19.30 -0.10
CA GLY A 300 -0.49 18.91 0.36
C GLY A 300 -1.54 19.63 -0.48
N MET A 301 -2.71 19.00 -0.65
CA MET A 301 -3.82 19.58 -1.35
C MET A 301 -5.11 19.31 -0.65
N MET A 302 -6.03 20.24 -0.79
CA MET A 302 -7.40 20.04 -0.31
C MET A 302 -8.32 20.49 -1.44
N CYS A 303 -9.20 19.58 -1.85
CA CYS A 303 -10.17 19.76 -2.89
C CYS A 303 -11.53 19.73 -2.23
N LEU A 304 -12.45 20.51 -2.77
CA LEU A 304 -13.83 20.55 -2.30
C LEU A 304 -14.81 20.58 -3.46
N SER A 305 -15.66 19.57 -3.51
CA SER A 305 -16.76 19.55 -4.43
C SER A 305 -17.84 18.66 -3.82
N PRO A 306 -18.92 19.26 -3.29
CA PRO A 306 -19.93 18.54 -2.52
C PRO A 306 -20.62 17.34 -3.16
N PRO A 307 -20.87 17.35 -4.47
CA PRO A 307 -21.60 16.18 -4.98
C PRO A 307 -20.77 14.90 -4.88
N LEU A 308 -21.32 13.89 -4.19
CA LEU A 308 -20.64 12.59 -4.02
C LEU A 308 -21.07 11.53 -5.04
N ASP A 309 -20.14 10.68 -5.47
CA ASP A 309 -20.47 9.46 -6.22
C ASP A 309 -21.11 8.43 -5.28
N LYS A 310 -21.35 7.24 -5.81
CA LYS A 310 -22.06 6.18 -5.10
C LYS A 310 -21.31 5.68 -3.87
N LEU A 311 -19.99 5.75 -3.91
CA LEU A 311 -19.18 5.29 -2.79
C LEU A 311 -18.91 6.37 -1.74
N GLY A 312 -19.55 7.55 -1.88
CA GLY A 312 -19.46 8.59 -0.86
C GLY A 312 -18.28 9.55 -1.04
N ASN A 313 -17.57 9.46 -2.15
CA ASN A 313 -16.44 10.34 -2.42
C ASN A 313 -16.78 11.40 -3.45
N SER A 314 -16.22 12.60 -3.28
CA SER A 314 -16.41 13.68 -4.23
C SER A 314 -16.13 13.23 -5.64
N HIS A 315 -17.13 13.36 -6.50
CA HIS A 315 -17.01 12.93 -7.90
C HIS A 315 -15.89 13.68 -8.65
N ARG A 316 -15.93 14.99 -8.50
CA ARG A 316 -14.93 15.87 -9.14
C ARG A 316 -13.56 15.80 -8.50
N GLY A 317 -13.55 15.82 -7.18
CA GLY A 317 -12.30 15.72 -6.43
C GLY A 317 -11.48 14.50 -6.83
N THR A 318 -12.16 13.36 -6.89
CA THR A 318 -11.52 12.09 -7.22
C THR A 318 -10.98 12.07 -8.64
N SER A 319 -11.82 12.55 -9.54
CA SER A 319 -11.43 12.64 -10.93
C SER A 319 -10.23 13.58 -11.10
N PHE A 320 -10.26 14.69 -10.39
CA PHE A 320 -9.15 15.61 -10.44
C PHE A 320 -7.85 14.97 -9.91
N CYS A 321 -7.91 14.25 -8.80
CA CYS A 321 -6.70 13.56 -8.32
C CYS A 321 -6.13 12.59 -9.35
N GLN A 322 -7.01 11.81 -9.96
CA GLN A 322 -6.55 10.86 -10.98
C GLN A 322 -5.87 11.57 -12.14
N LYS A 323 -6.49 12.63 -12.66
CA LYS A 323 -5.90 13.34 -13.79
C LYS A 323 -4.59 14.02 -13.40
N LEU A 324 -4.51 14.58 -12.20
CA LEU A 324 -3.28 15.28 -11.83
C LEU A 324 -2.11 14.33 -11.67
N VAL A 325 -2.40 13.20 -11.06
CA VAL A 325 -1.37 12.22 -10.79
C VAL A 325 -0.89 11.56 -12.09
N SER A 326 -1.81 11.23 -13.01
CA SER A 326 -1.39 10.67 -14.32
C SER A 326 -0.51 11.65 -15.08
N LEU A 327 -0.87 12.92 -15.08
CA LEU A 327 -0.11 13.89 -15.83
C LEU A 327 1.28 14.12 -15.26
N PHE A 328 1.39 14.23 -13.94
CA PHE A 328 2.66 14.55 -13.30
C PHE A 328 3.46 13.38 -12.76
N ASN A 329 2.97 12.17 -12.96
CA ASN A 329 3.68 10.97 -12.49
C ASN A 329 4.04 11.04 -10.99
N PHE A 330 3.04 11.42 -10.19
CA PHE A 330 3.15 11.51 -8.74
C PHE A 330 2.75 10.17 -8.02
N HIS A 331 2.30 9.15 -8.75
CA HIS A 331 1.89 7.87 -8.15
C HIS A 331 3.08 7.39 -7.33
N ASN A 332 2.77 6.88 -6.15
CA ASN A 332 3.77 6.38 -5.25
C ASN A 332 4.76 5.35 -5.89
N TYR A 333 4.31 4.56 -6.87
CA TYR A 333 5.16 3.60 -7.59
C TYR A 333 5.46 3.98 -9.05
N ASP A 334 5.35 5.27 -9.37
CA ASP A 334 5.87 5.79 -10.62
C ASP A 334 7.39 5.81 -10.56
N ASN A 335 8.04 5.38 -11.62
CA ASN A 335 9.50 5.41 -11.68
C ASN A 335 9.96 6.74 -12.28
N LEU B 18 21.21 10.40 -7.86
CA LEU B 18 21.09 11.34 -6.69
C LEU B 18 20.19 10.76 -5.61
N TYR B 19 18.96 10.41 -5.99
CA TYR B 19 17.98 9.81 -5.05
C TYR B 19 18.55 8.54 -4.42
N PHE B 20 19.20 7.71 -5.23
CA PHE B 20 19.83 6.49 -4.73
C PHE B 20 20.88 6.86 -3.67
N GLN B 21 21.69 7.87 -3.97
CA GLN B 21 22.78 8.32 -3.12
C GLN B 21 22.27 8.74 -1.73
N SER B 22 21.15 9.42 -1.69
CA SER B 22 20.56 9.78 -0.38
C SER B 22 20.06 8.56 0.42
N MET B 23 19.55 7.55 -0.29
CA MET B 23 18.97 6.37 0.37
C MET B 23 20.07 5.42 0.84
N ILE B 24 21.12 5.28 0.02
CA ILE B 24 22.31 4.49 0.35
C ILE B 24 23.56 5.32 0.07
N PRO B 25 23.96 6.19 1.03
CA PRO B 25 25.14 7.03 0.81
C PRO B 25 26.43 6.26 0.60
N ASP B 26 26.60 5.15 1.31
CA ASP B 26 27.82 4.32 1.21
C ASP B 26 27.51 2.82 1.10
N PHE B 27 27.77 2.26 -0.09
CA PHE B 27 27.40 0.88 -0.39
C PHE B 27 28.04 -0.10 0.58
N GLU B 28 29.33 0.08 0.83
CA GLU B 28 30.09 -0.89 1.63
C GLU B 28 29.58 -0.87 3.03
N GLU B 29 29.31 0.33 3.54
CA GLU B 29 28.78 0.49 4.88
C GLU B 29 27.38 -0.16 4.94
N PHE B 30 26.59 0.03 3.88
CA PHE B 30 25.25 -0.57 3.78
C PHE B 30 25.32 -2.10 3.81
N THR B 31 26.19 -2.70 2.99
CA THR B 31 26.30 -4.16 2.99
C THR B 31 26.78 -4.68 4.35
N GLY B 32 27.56 -3.87 5.06
CA GLY B 32 28.04 -4.28 6.38
C GLY B 32 26.87 -4.41 7.34
N HIS B 33 25.95 -3.45 7.30
CA HIS B 33 24.73 -3.54 8.12
C HIS B 33 23.85 -4.72 7.68
N VAL B 34 23.77 -4.97 6.38
CA VAL B 34 23.01 -6.12 5.87
C VAL B 34 23.53 -7.38 6.51
N ASP B 35 24.87 -7.54 6.45
CA ASP B 35 25.53 -8.73 6.99
C ASP B 35 25.26 -8.89 8.44
N ARG B 36 25.35 -7.79 9.20
CA ARG B 36 25.10 -7.91 10.64
C ARG B 36 23.66 -8.31 10.93
N ILE B 37 22.70 -7.74 10.23
CA ILE B 37 21.29 -8.08 10.51
C ILE B 37 21.06 -9.59 10.14
N PHE B 38 21.64 -10.00 9.02
CA PHE B 38 21.57 -11.39 8.55
C PHE B 38 22.02 -12.31 9.64
N GLU B 39 23.09 -11.89 10.29
CA GLU B 39 23.68 -12.65 11.38
C GLU B 39 22.78 -12.69 12.60
N ASP B 40 22.29 -11.53 13.02
CA ASP B 40 21.38 -11.45 14.19
C ASP B 40 20.15 -12.34 14.04
N VAL B 41 19.61 -12.34 12.83
CA VAL B 41 18.37 -13.04 12.54
C VAL B 41 18.53 -14.55 12.66
N LYS B 42 19.77 -15.05 12.51
CA LYS B 42 20.07 -16.47 12.77
C LYS B 42 19.60 -16.91 14.15
N GLU B 43 19.49 -16.01 15.10
CA GLU B 43 18.94 -16.40 16.40
C GLU B 43 17.50 -16.85 16.34
N LEU B 44 16.80 -16.57 15.24
CA LEU B 44 15.39 -16.94 15.12
C LEU B 44 15.24 -18.32 14.49
N THR B 45 14.71 -19.26 15.26
CA THR B 45 14.63 -20.64 14.76
C THR B 45 13.20 -21.17 14.66
N GLY B 46 12.23 -20.44 15.20
CA GLY B 46 10.82 -20.83 15.04
C GLY B 46 10.33 -20.93 13.60
N GLY B 47 9.11 -21.43 13.46
CA GLY B 47 8.48 -21.56 12.17
C GLY B 47 8.42 -23.01 11.75
N LYS B 48 7.56 -23.32 10.79
CA LYS B 48 7.46 -24.70 10.31
C LYS B 48 7.72 -24.72 8.82
N VAL B 49 8.52 -25.69 8.35
CA VAL B 49 8.79 -25.86 6.93
C VAL B 49 7.62 -26.57 6.24
N ALA B 50 7.11 -25.99 5.16
CA ALA B 50 6.04 -26.62 4.37
C ALA B 50 6.60 -27.73 3.49
N ALA B 51 5.86 -28.84 3.40
CA ALA B 51 6.17 -29.95 2.48
C ALA B 51 7.62 -30.44 2.64
N TYR B 52 8.02 -30.62 3.89
CA TYR B 52 9.38 -30.99 4.29
C TYR B 52 9.82 -32.33 3.66
N ILE B 53 10.82 -32.28 2.78
CA ILE B 53 11.53 -33.48 2.32
C ILE B 53 13.04 -33.41 2.72
N PRO B 54 13.47 -34.28 3.66
CA PRO B 54 14.80 -34.09 4.28
C PRO B 54 15.98 -34.18 3.31
N GLN B 55 15.86 -34.97 2.24
CA GLN B 55 16.91 -35.05 1.21
C GLN B 55 17.12 -33.76 0.42
N LEU B 56 16.13 -32.87 0.47
CA LEU B 56 16.11 -31.74 -0.43
C LEU B 56 16.62 -30.55 0.35
N ALA B 57 17.56 -29.84 -0.26
CA ALA B 57 18.10 -28.62 0.34
C ALA B 57 17.00 -27.58 0.70
N LYS B 58 16.02 -27.39 -0.21
CA LYS B 58 14.87 -26.42 -0.04
C LYS B 58 14.09 -26.62 1.25
N SER B 59 14.11 -27.84 1.80
CA SER B 59 13.43 -28.11 3.08
C SER B 59 14.29 -27.85 4.32
N ASN B 60 15.56 -27.50 4.15
CA ASN B 60 16.46 -27.34 5.30
C ASN B 60 16.09 -26.10 6.15
N PRO B 61 15.69 -26.31 7.40
CA PRO B 61 15.28 -25.14 8.17
C PRO B 61 16.40 -24.11 8.34
N ASP B 62 17.66 -24.53 8.19
CA ASP B 62 18.76 -23.63 8.38
C ASP B 62 19.22 -23.03 7.07
N LEU B 63 18.56 -23.32 5.96
CA LEU B 63 18.85 -22.61 4.74
C LEU B 63 18.49 -21.12 4.93
N TRP B 64 19.43 -20.22 4.62
CA TRP B 64 19.33 -18.78 4.97
C TRP B 64 20.25 -18.03 4.06
N GLY B 65 19.66 -17.21 3.21
CA GLY B 65 20.41 -16.45 2.21
C GLY B 65 19.67 -15.18 1.84
N VAL B 66 20.45 -14.13 1.56
CA VAL B 66 19.95 -12.87 1.13
C VAL B 66 20.83 -12.36 0.02
N SER B 67 20.24 -11.97 -1.10
CA SER B 67 20.96 -11.23 -2.14
C SER B 67 20.22 -9.99 -2.51
N LEU B 68 21.00 -9.00 -2.97
CA LEU B 68 20.43 -7.77 -3.47
C LEU B 68 21.14 -7.26 -4.69
N CYS B 69 20.43 -6.49 -5.49
CA CYS B 69 20.94 -5.89 -6.68
C CYS B 69 20.35 -4.49 -6.77
N THR B 70 21.20 -3.46 -6.79
CA THR B 70 20.75 -2.08 -6.83
C THR B 70 20.33 -1.78 -8.24
N VAL B 71 19.64 -0.66 -8.41
CA VAL B 71 19.17 -0.27 -9.71
C VAL B 71 20.34 0.16 -10.62
N ASP B 72 21.53 0.37 -10.06
CA ASP B 72 22.68 0.67 -10.91
C ASP B 72 23.61 -0.53 -10.99
N GLY B 73 23.13 -1.70 -10.57
CA GLY B 73 23.83 -2.95 -10.84
C GLY B 73 24.89 -3.40 -9.85
N GLN B 74 24.93 -2.80 -8.66
CA GLN B 74 25.81 -3.30 -7.59
C GLN B 74 25.16 -4.48 -6.88
N ARG B 75 25.99 -5.40 -6.40
CA ARG B 75 25.49 -6.68 -5.92
C ARG B 75 26.08 -7.03 -4.57
N HIS B 76 25.34 -7.77 -3.77
CA HIS B 76 25.83 -8.29 -2.50
C HIS B 76 24.99 -9.51 -2.16
N SER B 77 25.65 -10.60 -1.80
CA SER B 77 25.00 -11.83 -1.33
C SER B 77 25.68 -12.20 -0.04
N VAL B 78 24.92 -12.82 0.86
CA VAL B 78 25.44 -13.37 2.08
C VAL B 78 24.63 -14.64 2.31
N GLY B 79 25.31 -15.70 2.72
CA GLY B 79 24.69 -16.98 3.09
C GLY B 79 24.39 -17.79 1.87
N HIS B 80 23.28 -18.52 1.89
CA HIS B 80 22.93 -19.51 0.87
C HIS B 80 22.25 -19.01 -0.39
N THR B 81 23.01 -18.31 -1.23
CA THR B 81 22.46 -17.54 -2.30
C THR B 81 22.62 -18.14 -3.68
N LYS B 82 23.14 -19.36 -3.74
CA LYS B 82 23.31 -20.07 -4.99
C LYS B 82 22.60 -21.41 -4.99
N ILE B 83 21.75 -21.63 -3.99
CA ILE B 83 20.89 -22.79 -3.92
C ILE B 83 19.60 -22.51 -4.72
N PRO B 84 19.36 -23.29 -5.79
CA PRO B 84 18.13 -23.15 -6.52
C PRO B 84 16.92 -23.47 -5.68
N PHE B 85 15.82 -22.76 -5.95
CA PHE B 85 14.53 -23.10 -5.34
C PHE B 85 13.44 -22.67 -6.30
N CYS B 86 12.28 -23.30 -6.20
CA CYS B 86 11.13 -22.98 -7.06
C CYS B 86 10.49 -21.60 -6.71
N LEU B 87 10.20 -20.80 -7.71
CA LEU B 87 9.55 -19.49 -7.51
C LEU B 87 8.22 -19.62 -6.75
N GLN B 88 7.45 -20.65 -7.06
CA GLN B 88 6.12 -20.81 -6.42
C GLN B 88 5.38 -19.47 -6.56
N SER B 89 4.82 -18.94 -5.46
CA SER B 89 4.01 -17.69 -5.52
C SER B 89 4.78 -16.46 -5.94
N CYS B 90 6.09 -16.49 -5.77
CA CYS B 90 6.93 -15.39 -6.24
C CYS B 90 6.79 -15.17 -7.73
N VAL B 91 6.31 -16.15 -8.48
CA VAL B 91 6.09 -15.91 -9.89
C VAL B 91 4.83 -15.10 -10.19
N LYS B 92 3.89 -15.00 -9.24
CA LYS B 92 2.63 -14.35 -9.53
C LYS B 92 2.77 -12.93 -10.03
N PRO B 93 3.56 -12.12 -9.34
CA PRO B 93 3.66 -10.73 -9.82
C PRO B 93 4.40 -10.61 -11.17
N LEU B 94 5.22 -11.60 -11.51
CA LEU B 94 6.03 -11.59 -12.74
C LEU B 94 5.13 -11.88 -13.94
N THR B 95 4.33 -12.93 -13.83
CA THR B 95 3.36 -13.24 -14.87
C THR B 95 2.34 -12.11 -15.04
N TYR B 96 1.89 -11.51 -13.94
CA TYR B 96 1.00 -10.37 -14.02
C TYR B 96 1.69 -9.24 -14.82
N ALA B 97 2.90 -8.89 -14.44
CA ALA B 97 3.59 -7.81 -15.09
C ALA B 97 3.72 -8.07 -16.60
N ILE B 98 3.95 -9.33 -16.98
CA ILE B 98 4.03 -9.69 -18.39
C ILE B 98 2.70 -9.48 -19.08
N SER B 99 1.61 -9.87 -18.42
CA SER B 99 0.30 -9.70 -19.01
C SER B 99 -0.02 -8.21 -19.23
N ILE B 100 0.29 -7.38 -18.27
CA ILE B 100 0.00 -5.97 -18.45
C ILE B 100 0.87 -5.40 -19.59
N SER B 101 2.14 -5.75 -19.59
CA SER B 101 3.09 -5.25 -20.55
C SER B 101 2.66 -5.64 -21.97
N THR B 102 2.08 -6.82 -22.14
CA THR B 102 1.69 -7.27 -23.46
C THR B 102 0.23 -6.93 -23.83
N LEU B 103 -0.65 -6.77 -22.84
CA LEU B 103 -2.07 -6.60 -23.13
C LEU B 103 -2.69 -5.32 -22.58
N GLY B 104 -2.07 -4.69 -21.60
CA GLY B 104 -2.60 -3.46 -21.02
C GLY B 104 -3.57 -3.69 -19.88
N THR B 105 -3.62 -2.71 -19.00
CA THR B 105 -4.42 -2.70 -17.81
C THR B 105 -5.90 -2.94 -18.06
N ASP B 106 -6.46 -2.22 -19.03
CA ASP B 106 -7.90 -2.28 -19.29
C ASP B 106 -8.34 -3.70 -19.59
N TYR B 107 -7.59 -4.38 -20.44
CA TYR B 107 -7.96 -5.73 -20.82
C TYR B 107 -7.74 -6.76 -19.67
N VAL B 108 -6.58 -6.71 -19.02
CA VAL B 108 -6.24 -7.69 -17.97
C VAL B 108 -7.27 -7.64 -16.85
N HIS B 109 -7.62 -6.42 -16.47
CA HIS B 109 -8.47 -6.22 -15.34
C HIS B 109 -9.97 -6.27 -15.64
N LYS B 110 -10.34 -6.67 -16.84
CA LYS B 110 -11.64 -7.29 -17.07
C LYS B 110 -11.72 -8.68 -16.45
N PHE B 111 -10.59 -9.35 -16.26
CA PHE B 111 -10.59 -10.75 -15.81
C PHE B 111 -10.10 -10.95 -14.39
N VAL B 112 -9.44 -9.95 -13.84
CA VAL B 112 -8.93 -10.01 -12.47
C VAL B 112 -9.04 -8.64 -11.79
N GLY B 113 -9.33 -8.64 -10.50
CA GLY B 113 -9.50 -7.38 -9.76
C GLY B 113 -8.19 -6.71 -9.36
N LYS B 114 -8.33 -5.67 -8.56
CA LYS B 114 -7.24 -4.78 -8.22
C LYS B 114 -7.08 -4.58 -6.74
N GLU B 115 -7.75 -5.37 -5.91
CA GLU B 115 -7.59 -5.10 -4.50
C GLU B 115 -7.55 -6.31 -3.58
N PRO B 116 -7.15 -6.11 -2.31
CA PRO B 116 -7.18 -7.23 -1.34
C PRO B 116 -8.56 -7.84 -1.15
N SER B 117 -8.61 -9.14 -0.87
CA SER B 117 -9.87 -9.88 -0.68
C SER B 117 -10.50 -9.72 0.72
N GLY B 118 -9.82 -10.25 1.74
CA GLY B 118 -10.35 -10.31 3.12
C GLY B 118 -9.89 -11.59 3.83
N LEU B 119 -9.29 -11.45 5.02
CA LEU B 119 -8.64 -12.59 5.72
C LEU B 119 -9.57 -13.80 5.86
N LEU B 124 -10.62 -19.60 -1.99
CA LEU B 124 -11.33 -18.38 -1.67
C LEU B 124 -12.18 -17.93 -2.86
N SER B 125 -12.86 -16.79 -2.66
CA SER B 125 -14.02 -16.37 -3.44
C SER B 125 -13.78 -15.44 -4.68
N LEU B 126 -14.87 -14.91 -5.23
CA LEU B 126 -14.84 -13.89 -6.28
C LEU B 126 -15.39 -12.57 -5.75
N ASN B 127 -15.15 -11.48 -6.48
CA ASN B 127 -15.61 -10.15 -6.05
C ASN B 127 -16.97 -9.80 -6.64
N GLU B 128 -17.43 -8.56 -6.39
CA GLU B 128 -18.72 -8.04 -6.85
C GLU B 128 -18.89 -8.19 -8.37
N GLU B 129 -17.83 -7.98 -9.15
CA GLU B 129 -17.91 -8.12 -10.60
C GLU B 129 -17.78 -9.60 -11.08
N GLY B 130 -17.76 -10.56 -10.15
CA GLY B 130 -17.61 -11.98 -10.49
C GLY B 130 -16.21 -12.43 -10.94
N ILE B 131 -15.17 -11.76 -10.49
CA ILE B 131 -13.79 -12.11 -10.89
C ILE B 131 -12.88 -12.21 -9.66
N PRO B 132 -11.77 -13.00 -9.74
CA PRO B 132 -10.83 -13.13 -8.61
C PRO B 132 -10.36 -11.78 -8.16
N HIS B 133 -10.09 -11.64 -6.86
CA HIS B 133 -9.94 -10.33 -6.21
C HIS B 133 -8.74 -9.56 -6.70
N ASN B 134 -7.67 -10.29 -6.99
CA ASN B 134 -6.44 -9.70 -7.45
C ASN B 134 -5.49 -10.79 -7.99
N PRO B 135 -4.41 -10.37 -8.67
CA PRO B 135 -3.45 -11.32 -9.26
C PRO B 135 -2.57 -12.07 -8.28
N MET B 136 -2.54 -11.63 -7.03
CA MET B 136 -1.66 -12.26 -6.02
C MET B 136 -2.30 -13.43 -5.24
N VAL B 137 -3.59 -13.66 -5.39
CA VAL B 137 -4.21 -14.85 -4.80
C VAL B 137 -4.26 -15.90 -5.88
N ASN B 138 -4.29 -17.16 -5.49
CA ASN B 138 -4.21 -18.25 -6.47
C ASN B 138 -5.21 -18.15 -7.63
N ALA B 139 -6.45 -17.82 -7.32
CA ALA B 139 -7.50 -17.73 -8.36
C ALA B 139 -7.18 -16.64 -9.38
N GLY B 140 -6.70 -15.50 -8.91
CA GLY B 140 -6.29 -14.44 -9.83
C GLY B 140 -5.05 -14.81 -10.65
N ALA B 141 -4.11 -15.52 -10.01
CA ALA B 141 -2.89 -15.90 -10.70
C ALA B 141 -3.16 -16.96 -11.76
N ILE B 142 -4.09 -17.85 -11.48
CA ILE B 142 -4.50 -18.82 -12.50
C ILE B 142 -5.14 -18.13 -13.71
N VAL B 143 -6.01 -17.18 -13.47
CA VAL B 143 -6.63 -16.41 -14.59
C VAL B 143 -5.58 -15.62 -15.37
N VAL B 144 -4.71 -14.92 -14.65
CA VAL B 144 -3.63 -14.18 -15.29
C VAL B 144 -2.77 -15.09 -16.18
N SER B 145 -2.44 -16.29 -15.71
CA SER B 145 -1.75 -17.30 -16.51
C SER B 145 -2.46 -17.57 -17.83
N SER B 146 -3.78 -17.69 -17.76
CA SER B 146 -4.57 -17.98 -18.93
C SER B 146 -4.53 -16.86 -19.99
N LEU B 147 -4.20 -15.64 -19.60
CA LEU B 147 -4.31 -14.49 -20.52
C LEU B 147 -3.15 -14.42 -21.50
N ILE B 148 -2.07 -15.14 -21.22
CA ILE B 148 -0.84 -14.94 -21.96
C ILE B 148 -0.79 -15.75 -23.24
N LYS B 149 -0.59 -15.04 -24.37
CA LYS B 149 -0.48 -15.64 -25.71
C LYS B 149 -1.59 -16.65 -25.93
N MET B 150 -2.83 -16.18 -25.91
CA MET B 150 -3.98 -17.09 -25.98
C MET B 150 -4.09 -17.82 -27.32
N ASP B 151 -3.58 -17.23 -28.40
CA ASP B 151 -3.66 -17.84 -29.74
C ASP B 151 -2.64 -18.98 -29.96
N CYS B 152 -1.84 -19.34 -28.97
CA CYS B 152 -0.72 -20.31 -29.15
C CYS B 152 -0.84 -21.55 -28.30
N ASN B 153 0.10 -22.49 -28.43
CA ASN B 153 0.02 -23.78 -27.72
C ASN B 153 0.78 -23.79 -26.38
N LYS B 154 0.76 -24.94 -25.70
CA LYS B 154 1.31 -25.10 -24.36
C LYS B 154 2.79 -24.73 -24.31
N ALA B 155 3.59 -25.44 -25.11
CA ALA B 155 5.04 -25.23 -25.18
C ALA B 155 5.40 -23.78 -25.41
N GLU B 156 4.70 -23.13 -26.35
CA GLU B 156 4.96 -21.74 -26.72
C GLU B 156 4.62 -20.74 -25.63
N LYS B 157 3.50 -20.95 -24.95
CA LYS B 157 3.10 -20.06 -23.84
C LYS B 157 4.23 -20.07 -22.80
N PHE B 158 4.64 -21.27 -22.40
CA PHE B 158 5.67 -21.46 -21.40
C PHE B 158 6.93 -20.74 -21.81
N ASP B 159 7.38 -21.01 -23.04
CA ASP B 159 8.63 -20.44 -23.54
C ASP B 159 8.56 -18.94 -23.64
N PHE B 160 7.41 -18.41 -24.06
CA PHE B 160 7.20 -16.95 -24.09
C PHE B 160 7.33 -16.33 -22.70
N VAL B 161 6.74 -16.96 -21.68
CA VAL B 161 6.90 -16.44 -20.30
C VAL B 161 8.34 -16.60 -19.84
N LEU B 162 8.90 -17.77 -20.11
CA LEU B 162 10.29 -18.02 -19.72
C LEU B 162 11.29 -17.02 -20.33
N GLN B 163 11.01 -16.56 -21.54
CA GLN B 163 11.87 -15.55 -22.15
C GLN B 163 11.80 -14.23 -21.40
N TYR B 164 10.61 -13.80 -20.95
CA TYR B 164 10.56 -12.57 -20.13
C TYR B 164 11.24 -12.76 -18.79
N LEU B 165 11.08 -13.93 -18.20
CA LEU B 165 11.67 -14.19 -16.89
C LEU B 165 13.18 -14.18 -16.99
N ASN B 166 13.70 -14.82 -18.04
CA ASN B 166 15.15 -14.80 -18.32
C ASN B 166 15.66 -13.39 -18.37
N LYS B 167 14.96 -12.53 -19.10
CA LYS B 167 15.40 -11.16 -19.27
C LYS B 167 15.27 -10.31 -18.00
N MET B 168 14.22 -10.58 -17.21
CA MET B 168 14.09 -9.92 -15.91
C MET B 168 15.26 -10.27 -15.00
N ALA B 169 15.75 -11.51 -15.14
CA ALA B 169 16.87 -12.00 -14.33
C ALA B 169 18.27 -11.72 -14.96
N GLY B 170 18.30 -10.89 -16.01
CA GLY B 170 19.53 -10.58 -16.75
C GLY B 170 20.23 -11.84 -17.19
N ASN B 171 19.47 -12.84 -17.61
CA ASN B 171 19.98 -14.13 -18.03
C ASN B 171 20.80 -14.88 -16.99
N GLU B 172 20.62 -14.57 -15.71
CA GLU B 172 21.23 -15.39 -14.68
C GLU B 172 20.41 -16.65 -14.42
N TYR B 173 20.73 -17.36 -13.35
CA TYR B 173 20.23 -18.71 -13.16
C TYR B 173 18.71 -18.83 -13.23
N MET B 174 18.25 -19.78 -14.05
CA MET B 174 16.85 -20.03 -14.25
C MET B 174 16.80 -21.52 -14.58
N GLY B 175 16.06 -22.30 -13.80
CA GLY B 175 15.95 -23.76 -14.03
C GLY B 175 14.49 -24.18 -14.00
N PHE B 176 14.26 -25.47 -13.81
CA PHE B 176 12.92 -26.03 -13.73
C PHE B 176 12.95 -27.26 -12.86
N SER B 177 12.05 -27.36 -11.87
CA SER B 177 11.93 -28.60 -11.09
C SER B 177 10.76 -29.47 -11.55
N ASN B 178 11.08 -30.53 -12.31
CA ASN B 178 10.04 -31.51 -12.71
C ASN B 178 9.45 -32.26 -11.52
N ALA B 179 10.23 -32.49 -10.48
CA ALA B 179 9.70 -33.09 -9.27
C ALA B 179 8.57 -32.22 -8.67
N THR B 180 8.82 -30.92 -8.55
CA THR B 180 7.82 -30.01 -8.01
C THR B 180 6.61 -29.92 -8.92
N PHE B 181 6.85 -29.80 -10.23
CA PHE B 181 5.75 -29.75 -11.20
C PHE B 181 4.86 -31.00 -11.06
N GLN B 182 5.45 -32.19 -11.06
CA GLN B 182 4.65 -33.43 -11.00
C GLN B 182 3.93 -33.55 -9.68
N SER B 183 4.58 -33.10 -8.60
CA SER B 183 3.95 -33.14 -7.31
C SER B 183 2.67 -32.27 -7.23
N GLU B 184 2.73 -31.05 -7.77
CA GLU B 184 1.56 -30.20 -7.77
C GLU B 184 0.47 -30.77 -8.68
N LYS B 185 0.86 -31.32 -9.83
CA LYS B 185 -0.12 -31.97 -10.71
C LYS B 185 -0.87 -33.08 -10.00
N GLU B 186 -0.16 -33.88 -9.24
CA GLU B 186 -0.75 -35.07 -8.65
C GLU B 186 -1.49 -34.77 -7.37
N THR B 187 -1.07 -33.75 -6.61
CA THR B 187 -1.65 -33.51 -5.27
C THR B 187 -2.17 -32.08 -5.00
N GLY B 188 -2.20 -31.21 -6.01
CA GLY B 188 -2.63 -29.82 -5.84
C GLY B 188 -4.14 -29.65 -5.83
N ASP B 189 -4.82 -30.34 -4.92
CA ASP B 189 -6.28 -30.36 -4.91
C ASP B 189 -6.92 -28.98 -4.74
N ARG B 190 -6.31 -28.14 -3.92
CA ARG B 190 -6.80 -26.80 -3.72
C ARG B 190 -6.86 -26.03 -5.06
N ASN B 191 -5.83 -26.16 -5.87
CA ASN B 191 -5.80 -25.49 -7.17
C ASN B 191 -6.73 -26.07 -8.20
N TYR B 192 -6.94 -27.38 -8.19
CA TYR B 192 -7.97 -27.95 -9.03
C TYR B 192 -9.33 -27.47 -8.63
N ALA B 193 -9.58 -27.36 -7.34
CA ALA B 193 -10.87 -26.87 -6.88
C ALA B 193 -11.09 -25.43 -7.39
N ILE B 194 -10.06 -24.60 -7.28
CA ILE B 194 -10.14 -23.24 -7.77
C ILE B 194 -10.35 -23.22 -9.28
N GLY B 195 -9.63 -24.07 -10.00
CA GLY B 195 -9.71 -24.12 -11.45
C GLY B 195 -11.10 -24.43 -11.96
N TYR B 196 -11.70 -25.49 -11.41
CA TYR B 196 -13.11 -25.84 -11.75
C TYR B 196 -14.09 -24.77 -11.34
N TYR B 197 -13.86 -24.12 -10.22
CA TYR B 197 -14.74 -23.05 -9.83
C TYR B 197 -14.69 -21.87 -10.80
N LEU B 198 -13.48 -21.51 -11.25
CA LEU B 198 -13.28 -20.42 -12.21
C LEU B 198 -13.95 -20.77 -13.53
N LYS B 199 -13.82 -22.02 -13.93
CA LYS B 199 -14.49 -22.50 -15.12
C LYS B 199 -16.02 -22.37 -14.97
N GLU B 200 -16.58 -22.93 -13.90
CA GLU B 200 -17.99 -22.81 -13.57
C GLU B 200 -18.45 -21.36 -13.61
N LYS B 201 -17.66 -20.43 -13.06
CA LYS B 201 -18.13 -19.06 -13.00
C LYS B 201 -17.74 -18.29 -14.25
N LYS B 202 -17.15 -18.95 -15.24
CA LYS B 202 -16.88 -18.34 -16.54
C LYS B 202 -15.83 -17.23 -16.49
N CYS B 203 -14.76 -17.48 -15.78
CA CYS B 203 -13.80 -16.41 -15.44
C CYS B 203 -12.65 -16.35 -16.44
N PHE B 204 -12.55 -17.36 -17.30
CA PHE B 204 -11.49 -17.42 -18.29
C PHE B 204 -11.88 -16.79 -19.64
N PRO B 205 -10.89 -16.28 -20.37
CA PRO B 205 -11.16 -15.79 -21.73
C PRO B 205 -11.57 -16.88 -22.72
N LYS B 206 -12.18 -16.45 -23.81
CA LYS B 206 -12.56 -17.35 -24.89
C LYS B 206 -11.36 -18.16 -25.36
N GLY B 207 -11.60 -19.43 -25.65
CA GLY B 207 -10.59 -20.27 -26.26
C GLY B 207 -9.59 -20.83 -25.31
N VAL B 208 -9.82 -20.63 -24.02
CA VAL B 208 -8.88 -21.12 -23.05
C VAL B 208 -9.41 -22.37 -22.39
N ASP B 209 -8.60 -23.41 -22.38
CA ASP B 209 -8.89 -24.63 -21.68
C ASP B 209 -8.36 -24.50 -20.23
N MET B 210 -9.25 -24.67 -19.25
CA MET B 210 -8.91 -24.48 -17.84
C MET B 210 -7.73 -25.33 -17.42
N MET B 211 -7.76 -26.60 -17.80
CA MET B 211 -6.72 -27.56 -17.45
C MET B 211 -5.36 -27.14 -18.04
N ALA B 212 -5.37 -26.57 -19.23
CA ALA B 212 -4.13 -26.07 -19.84
C ALA B 212 -3.58 -24.88 -19.05
N ALA B 213 -4.46 -23.99 -18.60
CA ALA B 213 -4.05 -22.86 -17.82
C ALA B 213 -3.48 -23.29 -16.44
N LEU B 214 -4.11 -24.27 -15.79
CA LEU B 214 -3.57 -24.84 -14.56
C LEU B 214 -2.18 -25.43 -14.78
N ASP B 215 -2.06 -26.18 -15.86
CA ASP B 215 -0.80 -26.87 -16.22
C ASP B 215 0.29 -25.82 -16.39
N LEU B 216 0.00 -24.75 -17.11
CA LEU B 216 0.97 -23.66 -17.27
C LEU B 216 1.28 -23.01 -15.92
N TYR B 217 0.24 -22.73 -15.12
CA TYR B 217 0.48 -22.14 -13.82
C TYR B 217 1.40 -23.05 -12.97
N PHE B 218 1.15 -24.35 -12.97
CA PHE B 218 2.00 -25.28 -12.19
C PHE B 218 3.42 -25.29 -12.72
N GLN B 219 3.57 -25.21 -14.04
CA GLN B 219 4.90 -25.09 -14.65
C GLN B 219 5.69 -23.87 -14.21
N LEU B 220 5.06 -22.71 -14.29
CA LEU B 220 5.67 -21.44 -13.88
C LEU B 220 6.03 -21.45 -12.42
N CYS B 221 5.18 -22.01 -11.56
CA CYS B 221 5.50 -22.16 -10.14
C CYS B 221 6.74 -23.03 -9.89
N SER B 222 7.03 -23.92 -10.82
CA SER B 222 8.15 -24.86 -10.73
C SER B 222 9.44 -24.31 -11.32
N VAL B 223 9.40 -23.11 -11.91
CA VAL B 223 10.63 -22.46 -12.39
C VAL B 223 11.52 -22.18 -11.18
N GLU B 224 12.81 -22.42 -11.36
CA GLU B 224 13.79 -22.31 -10.28
C GLU B 224 14.65 -21.09 -10.46
N VAL B 225 14.98 -20.44 -9.35
CA VAL B 225 15.93 -19.34 -9.35
C VAL B 225 16.81 -19.53 -8.13
N THR B 226 17.80 -18.65 -7.97
CA THR B 226 18.55 -18.58 -6.75
C THR B 226 18.27 -17.23 -6.15
N CYS B 227 18.71 -17.01 -4.92
CA CYS B 227 18.64 -15.66 -4.36
C CYS B 227 19.23 -14.63 -5.28
N GLU B 228 20.32 -14.99 -5.94
CA GLU B 228 21.06 -14.06 -6.78
C GLU B 228 20.28 -13.68 -8.00
N SER B 229 19.76 -14.68 -8.72
CA SER B 229 19.02 -14.40 -9.96
C SER B 229 17.66 -13.75 -9.63
N GLY B 230 17.04 -14.20 -8.56
CA GLY B 230 15.79 -13.59 -8.06
C GLY B 230 15.91 -12.14 -7.66
N SER B 231 17.01 -11.81 -6.99
CA SER B 231 17.29 -10.40 -6.66
C SER B 231 17.35 -9.49 -7.88
N VAL B 232 17.83 -10.01 -9.01
CA VAL B 232 17.89 -9.22 -10.23
C VAL B 232 16.50 -9.00 -10.82
N MET B 233 15.68 -10.04 -10.77
CA MET B 233 14.29 -9.91 -11.19
C MET B 233 13.62 -8.82 -10.34
N ALA B 234 13.89 -8.84 -9.05
CA ALA B 234 13.32 -7.83 -8.15
C ALA B 234 13.87 -6.46 -8.46
N ALA B 235 15.15 -6.40 -8.89
CA ALA B 235 15.78 -5.13 -9.28
C ALA B 235 15.21 -4.57 -10.57
N THR B 236 14.81 -5.45 -11.47
CA THR B 236 14.19 -5.00 -12.69
C THR B 236 12.89 -4.23 -12.36
N LEU B 237 12.10 -4.78 -11.42
CA LEU B 237 10.91 -4.09 -10.90
C LEU B 237 11.26 -2.80 -10.16
N ALA B 238 12.35 -2.79 -9.40
CA ALA B 238 12.78 -1.58 -8.70
C ALA B 238 13.19 -0.49 -9.67
N ASN B 239 13.51 -0.87 -10.90
CA ASN B 239 14.13 0.05 -11.84
C ASN B 239 13.22 0.33 -13.00
N GLY B 240 11.91 0.34 -12.75
CA GLY B 240 10.97 0.76 -13.77
C GLY B 240 10.83 -0.18 -14.94
N GLY B 241 11.34 -1.40 -14.81
CA GLY B 241 11.15 -2.39 -15.85
C GLY B 241 12.36 -2.59 -16.74
N ILE B 242 13.43 -1.87 -16.43
CA ILE B 242 14.71 -1.99 -17.14
C ILE B 242 15.62 -2.86 -16.27
N CYS B 243 16.10 -3.97 -16.81
CA CYS B 243 16.98 -4.86 -16.06
C CYS B 243 18.28 -4.11 -15.81
N PRO B 244 18.65 -3.93 -14.53
CA PRO B 244 19.80 -3.09 -14.29
C PRO B 244 21.17 -3.70 -14.63
N ILE B 245 21.28 -5.00 -14.82
CA ILE B 245 22.58 -5.56 -15.22
C ILE B 245 22.71 -5.77 -16.73
N THR B 246 21.67 -5.42 -17.49
CA THR B 246 21.71 -5.51 -18.96
C THR B 246 21.24 -4.27 -19.69
N GLY B 247 20.58 -3.36 -19.00
CA GLY B 247 19.98 -2.22 -19.65
C GLY B 247 18.77 -2.54 -20.47
N GLU B 248 18.31 -3.79 -20.49
CA GLU B 248 17.18 -4.12 -21.37
C GLU B 248 15.80 -3.63 -20.80
N SER B 249 14.99 -3.00 -21.67
CA SER B 249 13.60 -2.63 -21.36
CA SER B 249 13.60 -2.64 -21.35
C SER B 249 12.68 -3.87 -21.38
N VAL B 250 12.44 -4.48 -20.22
CA VAL B 250 11.77 -5.78 -20.19
C VAL B 250 10.26 -5.62 -20.06
N LEU B 251 9.82 -4.73 -19.16
CA LEU B 251 8.41 -4.54 -18.86
C LEU B 251 8.06 -3.09 -19.03
N SER B 252 6.81 -2.79 -19.38
CA SER B 252 6.40 -1.40 -19.50
C SER B 252 6.30 -0.76 -18.10
N ALA B 253 6.38 0.56 -18.07
CA ALA B 253 6.31 1.32 -16.84
C ALA B 253 4.98 1.10 -16.15
N GLU B 254 3.93 1.03 -16.96
CA GLU B 254 2.58 0.78 -16.48
C GLU B 254 2.54 -0.59 -15.78
N ALA B 255 3.15 -1.61 -16.40
CA ALA B 255 3.18 -2.94 -15.84
C ALA B 255 3.82 -2.95 -14.49
N VAL B 256 4.94 -2.26 -14.39
CA VAL B 256 5.70 -2.25 -13.15
C VAL B 256 4.94 -1.50 -12.06
N ARG B 257 4.40 -0.35 -12.40
CA ARG B 257 3.63 0.43 -11.43
C ARG B 257 2.43 -0.36 -10.86
N ASN B 258 1.68 -1.01 -11.74
CA ASN B 258 0.58 -1.86 -11.30
C ASN B 258 1.06 -2.97 -10.37
N THR B 259 2.17 -3.60 -10.75
CA THR B 259 2.70 -4.75 -10.06
C THR B 259 3.16 -4.40 -8.69
N LEU B 260 3.91 -3.33 -8.58
CA LEU B 260 4.32 -2.83 -7.29
C LEU B 260 3.15 -2.40 -6.42
N SER B 261 2.13 -1.76 -7.01
CA SER B 261 0.92 -1.43 -6.20
C SER B 261 0.29 -2.66 -5.61
N LEU B 262 0.13 -3.69 -6.42
CA LEU B 262 -0.53 -4.92 -5.92
C LEU B 262 0.33 -5.77 -4.98
N MET B 263 1.66 -5.75 -5.18
CA MET B 263 2.58 -6.38 -4.24
C MET B 263 2.51 -5.68 -2.87
N HIS B 264 2.45 -4.35 -2.89
CA HIS B 264 2.29 -3.56 -1.66
C HIS B 264 1.11 -3.99 -0.81
N SER B 265 -0.02 -4.27 -1.43
CA SER B 265 -1.27 -4.46 -0.74
C SER B 265 -1.73 -5.92 -0.64
N CYS B 266 -1.23 -6.79 -1.53
CA CYS B 266 -1.68 -8.16 -1.60
C CYS B 266 -0.57 -9.23 -1.61
N GLY B 267 0.68 -8.85 -1.35
CA GLY B 267 1.77 -9.71 -1.66
C GLY B 267 2.20 -10.68 -0.60
N MET B 268 1.71 -10.49 0.62
CA MET B 268 2.09 -11.31 1.77
C MET B 268 0.89 -12.02 2.41
N TYR B 269 -0.07 -12.42 1.61
CA TYR B 269 -1.30 -13.11 2.06
C TYR B 269 -1.97 -12.37 3.24
N ASP B 270 -2.34 -13.06 4.30
CA ASP B 270 -3.00 -12.43 5.47
C ASP B 270 -2.11 -11.48 6.24
N PHE B 271 -0.79 -11.51 6.00
CA PHE B 271 0.13 -10.56 6.69
C PHE B 271 0.30 -9.27 5.92
N SER B 272 -0.34 -9.16 4.76
CA SER B 272 -0.13 -8.00 3.88
C SER B 272 -0.39 -6.68 4.54
N GLY B 273 -1.46 -6.60 5.35
CA GLY B 273 -1.73 -5.35 6.10
C GLY B 273 -0.63 -4.97 7.07
N GLN B 274 -0.22 -5.94 7.89
CA GLN B 274 0.84 -5.68 8.87
C GLN B 274 2.12 -5.25 8.17
N PHE B 275 2.45 -5.96 7.11
CA PHE B 275 3.66 -5.65 6.35
C PHE B 275 3.59 -4.27 5.72
N ALA B 276 2.47 -3.93 5.10
CA ALA B 276 2.29 -2.61 4.49
C ALA B 276 2.47 -1.54 5.54
N PHE B 277 1.94 -1.79 6.73
CA PHE B 277 2.02 -0.79 7.78
C PHE B 277 3.41 -0.60 8.32
N HIS B 278 4.05 -1.68 8.73
CA HIS B 278 5.38 -1.61 9.38
C HIS B 278 6.57 -1.53 8.45
N VAL B 279 6.48 -2.15 7.29
CA VAL B 279 7.62 -2.21 6.35
C VAL B 279 7.41 -1.28 5.17
N GLY B 280 6.19 -1.25 4.64
CA GLY B 280 5.77 -0.24 3.61
C GLY B 280 6.48 -0.36 2.28
N LEU B 281 6.67 -1.60 1.80
CA LEU B 281 7.30 -1.83 0.53
C LEU B 281 6.59 -2.94 -0.19
N PRO B 282 6.67 -2.94 -1.52
CA PRO B 282 6.19 -4.06 -2.30
C PRO B 282 7.03 -5.30 -2.04
N ALA B 283 6.38 -6.38 -1.64
CA ALA B 283 7.01 -7.66 -1.42
C ALA B 283 6.07 -8.79 -1.83
N LYS B 284 6.64 -9.96 -2.13
CA LYS B 284 5.87 -11.15 -2.42
C LYS B 284 6.52 -12.32 -1.71
N SER B 285 5.72 -13.02 -0.90
CA SER B 285 6.18 -14.19 -0.17
C SER B 285 5.71 -15.44 -0.89
N ALA B 286 6.32 -16.57 -0.51
CA ALA B 286 6.00 -17.88 -1.08
C ALA B 286 6.22 -18.95 -0.03
N VAL B 287 5.61 -20.09 -0.29
CA VAL B 287 5.63 -21.19 0.62
C VAL B 287 7.05 -21.83 0.75
N SER B 288 7.89 -21.58 -0.22
CA SER B 288 9.30 -21.95 -0.18
C SER B 288 10.09 -21.24 0.93
N GLY B 289 9.48 -20.24 1.56
CA GLY B 289 10.19 -19.36 2.46
C GLY B 289 10.95 -18.22 1.80
N ALA B 290 10.72 -18.02 0.50
CA ALA B 290 11.23 -16.87 -0.19
C ALA B 290 10.43 -15.59 0.09
N ILE B 291 11.13 -14.46 0.00
CA ILE B 291 10.55 -13.14 0.00
C ILE B 291 11.30 -12.33 -1.04
N LEU B 292 10.55 -11.92 -2.07
CA LEU B 292 11.01 -11.02 -3.10
C LEU B 292 10.62 -9.64 -2.60
N LEU B 293 11.59 -8.78 -2.36
CA LEU B 293 11.37 -7.42 -1.84
C LEU B 293 11.88 -6.36 -2.84
N VAL B 294 11.09 -5.31 -3.08
CA VAL B 294 11.46 -4.25 -4.01
C VAL B 294 11.51 -2.98 -3.21
N VAL B 295 12.64 -2.28 -3.33
CA VAL B 295 12.78 -0.94 -2.81
C VAL B 295 12.91 -0.02 -4.02
N PRO B 296 11.81 0.68 -4.39
CA PRO B 296 11.73 1.35 -5.69
C PRO B 296 12.84 2.37 -5.87
N ASN B 297 13.44 2.43 -7.05
CA ASN B 297 14.58 3.31 -7.32
C ASN B 297 15.80 3.07 -6.44
N VAL B 298 15.90 1.93 -5.75
CA VAL B 298 17.06 1.65 -4.90
C VAL B 298 17.59 0.27 -5.22
N MET B 299 16.79 -0.77 -4.97
CA MET B 299 17.24 -2.14 -5.14
C MET B 299 16.12 -3.19 -5.16
N GLY B 300 16.44 -4.36 -5.71
CA GLY B 300 15.67 -5.57 -5.53
C GLY B 300 16.42 -6.49 -4.59
N MET B 301 15.69 -7.28 -3.82
CA MET B 301 16.26 -8.23 -2.88
C MET B 301 15.43 -9.52 -2.86
N MET B 302 16.11 -10.65 -2.69
CA MET B 302 15.48 -11.95 -2.55
C MET B 302 16.10 -12.59 -1.33
N CYS B 303 15.25 -12.94 -0.35
CA CYS B 303 15.60 -13.62 0.90
C CYS B 303 15.00 -14.99 0.87
N LEU B 304 15.67 -15.95 1.50
CA LEU B 304 15.21 -17.35 1.50
C LEU B 304 15.50 -17.95 2.85
N SER B 305 14.43 -18.36 3.53
CA SER B 305 14.53 -19.13 4.76
C SER B 305 13.25 -19.95 4.93
N PRO B 306 13.32 -21.27 4.67
CA PRO B 306 12.15 -22.13 4.61
C PRO B 306 11.14 -22.17 5.77
N PRO B 307 11.58 -22.04 7.04
CA PRO B 307 10.55 -22.16 8.08
C PRO B 307 9.54 -20.99 8.05
N LEU B 308 8.25 -21.31 7.90
CA LEU B 308 7.17 -20.29 7.82
C LEU B 308 6.47 -20.03 9.17
N ASP B 309 6.10 -18.77 9.41
CA ASP B 309 5.18 -18.47 10.53
C ASP B 309 3.76 -18.93 10.16
N LYS B 310 2.80 -18.61 11.02
CA LYS B 310 1.42 -19.14 10.90
C LYS B 310 0.71 -18.62 9.63
N LEU B 311 1.07 -17.45 9.17
CA LEU B 311 0.44 -16.89 8.02
C LEU B 311 1.10 -17.28 6.72
N GLY B 312 2.09 -18.18 6.77
CA GLY B 312 2.70 -18.69 5.54
C GLY B 312 3.89 -17.92 5.02
N ASN B 313 4.36 -16.94 5.79
CA ASN B 313 5.52 -16.17 5.42
C ASN B 313 6.80 -16.53 6.21
N SER B 314 7.95 -16.49 5.54
CA SER B 314 9.24 -16.81 6.17
C SER B 314 9.42 -16.05 7.45
N HIS B 315 9.62 -16.78 8.55
CA HIS B 315 9.80 -16.18 9.86
C HIS B 315 11.05 -15.30 9.92
N ARG B 316 12.18 -15.84 9.46
CA ARG B 316 13.43 -15.09 9.40
C ARG B 316 13.40 -14.01 8.35
N GLY B 317 12.97 -14.34 7.13
CA GLY B 317 12.89 -13.36 6.01
C GLY B 317 12.14 -12.10 6.40
N THR B 318 10.98 -12.28 7.01
CA THR B 318 10.09 -11.20 7.39
C THR B 318 10.73 -10.33 8.45
N SER B 319 11.31 -10.99 9.45
CA SER B 319 12.03 -10.33 10.49
C SER B 319 13.22 -9.55 9.92
N PHE B 320 13.93 -10.16 8.99
CA PHE B 320 15.08 -9.50 8.40
C PHE B 320 14.64 -8.25 7.62
N CYS B 321 13.61 -8.39 6.80
CA CYS B 321 13.07 -7.25 6.07
C CYS B 321 12.67 -6.10 7.02
N GLN B 322 11.97 -6.42 8.10
CA GLN B 322 11.53 -5.42 9.09
C GLN B 322 12.73 -4.67 9.70
N LYS B 323 13.74 -5.41 10.14
CA LYS B 323 14.96 -4.80 10.72
C LYS B 323 15.72 -3.98 9.72
N LEU B 324 15.87 -4.46 8.49
CA LEU B 324 16.64 -3.70 7.51
C LEU B 324 15.94 -2.42 7.11
N VAL B 325 14.63 -2.51 6.84
CA VAL B 325 13.85 -1.37 6.37
C VAL B 325 13.73 -0.29 7.46
N SER B 326 13.50 -0.69 8.70
CA SER B 326 13.40 0.24 9.81
C SER B 326 14.77 0.90 10.12
N LEU B 327 15.87 0.18 9.96
CA LEU B 327 17.18 0.78 10.22
C LEU B 327 17.53 1.82 9.16
N PHE B 328 17.21 1.50 7.90
CA PHE B 328 17.55 2.36 6.77
C PHE B 328 16.49 3.33 6.30
N ASN B 329 15.35 3.40 6.98
CA ASN B 329 14.24 4.29 6.58
C ASN B 329 13.74 4.10 5.16
N PHE B 330 13.59 2.85 4.75
CA PHE B 330 13.18 2.53 3.39
C PHE B 330 11.64 2.47 3.23
N HIS B 331 10.88 2.62 4.32
CA HIS B 331 9.46 2.56 4.26
C HIS B 331 9.03 3.58 3.23
N ASN B 332 8.10 3.18 2.39
CA ASN B 332 7.59 4.05 1.35
C ASN B 332 7.15 5.46 1.85
N TYR B 333 6.68 5.59 3.08
CA TYR B 333 6.22 6.88 3.63
C TYR B 333 7.12 7.42 4.75
N ASP B 334 8.36 6.93 4.80
CA ASP B 334 9.39 7.52 5.68
C ASP B 334 9.77 8.89 5.13
N ASN B 335 9.95 9.87 6.01
CA ASN B 335 10.47 11.17 5.60
C ASN B 335 11.99 11.25 5.74
C1 EDO C . -6.83 -0.46 29.35
O1 EDO C . -7.20 0.90 29.58
C2 EDO C . -8.00 -1.32 29.79
O2 EDO C . -9.01 -1.26 28.80
C1 EDO D . -11.58 0.08 3.46
O1 EDO D . -10.23 -0.03 2.93
C2 EDO D . -11.57 0.88 4.76
O2 EDO D . -11.26 -0.01 5.86
C1 EDO E . -0.21 -3.43 19.48
O1 EDO E . 0.20 -2.04 19.49
C2 EDO E . 0.67 -4.40 20.34
O2 EDO E . 1.44 -3.75 21.38
CL CL F . -23.27 12.52 23.02
C1 EDO G . -3.12 -2.64 1.98
O1 EDO G . -1.99 -1.76 1.79
C2 EDO G . -2.84 -3.86 2.87
O2 EDO G . -3.54 -5.03 2.37
C1 EDO H . -4.47 -10.44 -0.93
O1 EDO H . -5.89 -10.52 -1.08
C2 EDO H . -4.06 -11.07 0.37
O2 EDO H . -4.17 -12.49 0.25
CL CL I . -2.81 -30.35 -14.84
#